data_5FAP
#
_entry.id   5FAP
#
_cell.length_a   63.120
_cell.length_b   61.830
_cell.length_c   73.070
_cell.angle_alpha   90.00
_cell.angle_beta   103.98
_cell.angle_gamma   90.00
#
_symmetry.space_group_name_H-M   'P 1 21 1'
#
loop_
_entity.id
_entity.type
_entity.pdbx_description
1 polymer Beta-lactamase
2 non-polymer '[[(3~{R},6~{S})-6-[(azetidin-3-ylcarbonylamino)carbamoyl]-1-methanoyl-piperidin-3-yl]amino] hydrogen sulfate'
3 water water
#
_entity_poly.entity_id   1
_entity_poly.type   'polypeptide(L)'
_entity_poly.pdbx_seq_one_letter_code
;QTADVQQKLAELERQSGGRLGVALINTADNSQILYRADERFAMCSTSKVMAAAAVLKKSESEPNLLNQRVEIKKSDLVNY
NPIAEKHVNGTMSLAELSAAALQYSDNVAMNKLIAHVGGPASVTAFARQLGDETFRLDRTEPTLNTAIPGDPRDTTSPRA
MAQTLRNLTLGKALGDSQRAQLVTWMKGNTTGAASIQAGLPASWVVGDKTGSGGYGTTNDIAVIWPKDRAPLILVTYFTQ
PQPKAESRRDVLASAAKIVTDGL
;
_entity_poly.pdbx_strand_id   B,A
#
loop_
_chem_comp.id
_chem_comp.type
_chem_comp.name
_chem_comp.formula
602 non-polymer '[[(3~{R},6~{S})-6-[(azetidin-3-ylcarbonylamino)carbamoyl]-1-methanoyl-piperidin-3-yl]amino] hydrogen sulfate' 'C11 H19 N5 O7 S'
#
# COMPACT_ATOMS: atom_id res chain seq x y z
N ASP A 4 16.68 23.82 1.59
CA ASP A 4 16.16 23.02 0.43
C ASP A 4 15.50 21.71 0.88
N VAL A 5 16.16 20.99 1.77
CA VAL A 5 15.60 19.76 2.33
C VAL A 5 14.36 20.09 3.18
N GLN A 6 14.39 21.24 3.85
CA GLN A 6 13.29 21.69 4.69
C GLN A 6 12.06 22.05 3.86
N GLN A 7 12.30 22.59 2.67
CA GLN A 7 11.24 22.99 1.76
C GLN A 7 10.62 21.77 1.05
N LYS A 8 11.45 20.74 0.85
CA LYS A 8 11.00 19.46 0.34
C LYS A 8 10.09 18.73 1.33
N LEU A 9 10.49 18.71 2.60
CA LEU A 9 9.70 18.09 3.66
C LEU A 9 8.39 18.84 3.92
N ALA A 10 8.42 20.16 3.75
CA ALA A 10 7.24 21.01 3.85
C ALA A 10 6.23 20.74 2.74
N GLU A 11 6.71 20.60 1.52
CA GLU A 11 5.86 20.34 0.35
C GLU A 11 5.22 18.95 0.38
N LEU A 12 5.97 17.97 0.89
CA LEU A 12 5.50 16.61 1.11
C LEU A 12 4.36 16.56 2.10
N GLU A 13 4.46 17.35 3.17
CA GLU A 13 3.41 17.49 4.17
C GLU A 13 2.18 18.19 3.61
N ARG A 14 2.39 19.33 2.95
CA ARG A 14 1.31 20.11 2.37
C ARG A 14 0.50 19.27 1.38
N GLN A 15 1.19 18.53 0.53
CA GLN A 15 0.55 17.71 -0.51
C GLN A 15 -0.18 16.48 0.08
N SER A 16 0.22 16.05 1.29
CA SER A 16 -0.37 14.88 1.94
C SER A 16 -1.60 15.21 2.80
N GLY A 17 -1.71 16.46 3.24
CA GLY A 17 -2.83 16.92 4.06
C GLY A 17 -2.73 16.46 5.51
N GLY A 18 -1.60 15.83 5.86
CA GLY A 18 -1.37 15.29 7.19
C GLY A 18 -0.34 16.12 7.95
N ARG A 19 0.10 15.59 9.08
CA ARG A 19 1.10 16.23 9.91
C ARG A 19 2.28 15.27 10.01
N LEU A 20 3.44 15.75 9.55
CA LEU A 20 4.67 14.97 9.38
C LEU A 20 5.70 15.33 10.46
N GLY A 21 6.30 14.31 11.05
CA GLY A 21 7.33 14.49 12.07
C GLY A 21 8.61 13.78 11.68
N VAL A 22 9.69 14.53 11.52
CA VAL A 22 10.95 13.97 11.04
C VAL A 22 12.10 14.41 11.94
N ALA A 23 12.98 13.46 12.27
CA ALA A 23 14.25 13.73 12.93
C ALA A 23 15.33 12.76 12.46
N LEU A 24 16.37 13.30 11.83
CA LEU A 24 17.48 12.49 11.35
C LEU A 24 18.81 12.93 11.96
N ILE A 25 19.56 11.97 12.48
CA ILE A 25 20.89 12.21 13.02
C ILE A 25 21.90 11.50 12.11
N ASN A 26 22.89 12.25 11.63
CA ASN A 26 24.00 11.71 10.85
C ASN A 26 25.25 11.61 11.72
N THR A 27 25.75 10.40 11.97
CA THR A 27 26.90 10.23 12.86
C THR A 27 28.25 10.56 12.21
N ALA A 28 28.30 10.76 10.90
CA ALA A 28 29.53 11.20 10.25
C ALA A 28 29.95 12.63 10.63
N ASP A 29 28.98 13.52 10.82
CA ASP A 29 29.24 14.91 11.24
C ASP A 29 28.49 15.38 12.51
N ASN A 30 27.65 14.50 13.07
CA ASN A 30 26.77 14.78 14.21
C ASN A 30 25.68 15.82 13.93
N SER A 31 25.40 16.04 12.65
CA SER A 31 24.34 16.96 12.23
C SER A 31 22.94 16.34 12.36
N GLN A 32 21.94 17.21 12.37
CA GLN A 32 20.53 16.78 12.44
C GLN A 32 19.70 17.46 11.35
N ILE A 33 18.66 16.77 10.88
CA ILE A 33 17.60 17.33 10.04
C ILE A 33 16.27 17.19 10.80
N LEU A 34 15.64 18.33 11.12
CA LEU A 34 14.45 18.34 11.98
C LEU A 34 13.22 18.99 11.32
N TYR A 35 12.07 18.33 11.48
CA TYR A 35 10.78 18.87 11.03
C TYR A 35 9.69 18.47 12.02
N ARG A 36 9.10 19.49 12.66
CA ARG A 36 8.13 19.36 13.75
C ARG A 36 8.68 18.43 14.83
N ALA A 37 9.97 18.57 15.09
CA ALA A 37 10.73 17.57 15.84
C ALA A 37 10.40 17.60 17.32
N ASP A 38 9.82 18.71 17.77
CA ASP A 38 9.46 18.86 19.18
C ASP A 38 7.96 18.73 19.41
N GLU A 39 7.20 18.44 18.36
CA GLU A 39 5.76 18.20 18.44
C GLU A 39 5.49 16.76 18.89
N ARG A 40 4.41 16.55 19.64
CA ARG A 40 4.08 15.20 20.10
C ARG A 40 3.26 14.44 19.06
N PHE A 41 3.67 13.19 18.82
CA PHE A 41 3.01 12.27 17.90
C PHE A 41 2.82 10.98 18.66
N ALA A 42 1.72 10.28 18.40
CA ALA A 42 1.41 9.00 19.03
C ALA A 42 2.32 7.91 18.48
N MET A 43 3.10 7.29 19.35
CA MET A 43 4.11 6.31 18.93
C MET A 43 3.51 5.05 18.29
N CYS A 44 2.42 4.57 18.87
CA CYS A 44 1.80 3.31 18.47
C CYS A 44 2.76 2.13 18.67
N SER A 45 2.79 1.19 17.73
CA SER A 45 3.59 -0.01 17.89
C SER A 45 5.08 0.36 18.08
N THR A 46 5.49 1.53 17.66
CA THR A 46 6.91 1.82 17.73
C THR A 46 7.39 1.63 19.17
N SER A 47 6.51 1.91 20.12
CA SER A 47 6.84 1.95 21.54
C SER A 47 7.49 0.66 22.02
N LYS A 48 7.43 -0.36 21.17
CA LYS A 48 7.94 -1.68 21.52
C LYS A 48 9.46 -1.73 21.66
N VAL A 49 10.16 -0.79 21.04
CA VAL A 49 11.60 -0.70 21.22
C VAL A 49 11.93 -0.37 22.68
N MET A 50 11.17 0.54 23.30
CA MET A 50 11.44 0.98 24.67
C MET A 50 11.03 -0.05 25.71
N ALA A 51 10.01 -0.86 25.40
CA ALA A 51 9.60 -1.94 26.30
C ALA A 51 10.63 -3.06 26.29
N ALA A 52 11.10 -3.43 25.10
CA ALA A 52 12.07 -4.50 24.96
C ALA A 52 13.41 -4.10 25.58
N ALA A 53 13.79 -2.83 25.43
CA ALA A 53 15.05 -2.32 25.98
C ALA A 53 15.01 -2.25 27.51
N ALA A 54 13.83 -1.95 28.04
CA ALA A 54 13.60 -1.94 29.49
C ALA A 54 13.86 -3.30 30.12
N VAL A 55 13.49 -4.36 29.39
CA VAL A 55 13.70 -5.74 29.83
C VAL A 55 15.18 -6.11 29.67
N LEU A 56 15.81 -5.56 28.63
CA LEU A 56 17.24 -5.76 28.42
C LEU A 56 18.07 -5.13 29.53
N LYS A 57 17.71 -3.90 29.92
CA LYS A 57 18.39 -3.20 31.02
C LYS A 57 18.19 -3.93 32.35
N LYS A 58 16.98 -4.46 32.55
CA LYS A 58 16.68 -5.27 33.73
C LYS A 58 17.57 -6.51 33.79
N SER A 59 17.80 -7.13 32.64
CA SER A 59 18.52 -8.41 32.57
C SER A 59 20.02 -8.25 32.79
N GLU A 60 20.48 -7.00 32.80
CA GLU A 60 21.88 -6.71 33.08
C GLU A 60 22.24 -7.17 34.51
N SER A 61 21.37 -6.92 35.45
CA SER A 61 21.52 -7.36 36.82
C SER A 61 20.77 -8.60 37.34
N GLU A 62 19.88 -9.18 36.54
CA GLU A 62 19.14 -10.36 36.93
C GLU A 62 19.47 -11.44 35.96
N PRO A 63 19.81 -12.69 36.49
CA PRO A 63 20.77 -13.43 35.67
C PRO A 63 20.42 -13.90 34.30
N ASN A 64 19.28 -14.54 34.25
CA ASN A 64 18.87 -15.41 33.20
C ASN A 64 17.50 -15.00 32.79
N LEU A 65 17.21 -13.72 32.90
CA LEU A 65 15.87 -13.23 32.75
C LEU A 65 15.27 -13.52 31.40
N LEU A 66 15.98 -13.29 30.34
CA LEU A 66 15.46 -13.56 29.01
C LEU A 66 15.11 -15.03 28.82
N ASN A 67 15.42 -15.84 29.83
CA ASN A 67 15.12 -17.28 29.83
C ASN A 67 13.82 -17.62 30.57
N GLN A 68 13.46 -16.78 31.55
CA GLN A 68 12.21 -16.89 32.28
C GLN A 68 10.99 -17.04 31.36
N ARG A 69 10.12 -18.00 31.66
CA ARG A 69 8.99 -18.32 30.78
C ARG A 69 7.72 -17.59 31.24
N VAL A 70 6.84 -17.31 30.28
CA VAL A 70 5.61 -16.55 30.53
C VAL A 70 4.45 -17.31 29.90
N GLU A 71 3.38 -17.47 30.67
CA GLU A 71 2.21 -18.23 30.23
C GLU A 71 1.34 -17.45 29.25
N ILE A 72 0.90 -18.10 28.17
CA ILE A 72 -0.02 -17.53 27.18
C ILE A 72 -1.38 -18.24 27.25
N LYS A 73 -2.45 -17.45 27.41
CA LYS A 73 -3.82 -17.94 27.50
C LYS A 73 -4.63 -17.42 26.30
N LYS A 74 -5.79 -18.02 26.02
CA LYS A 74 -6.61 -17.54 24.91
C LYS A 74 -7.18 -16.16 25.23
N SER A 75 -7.44 -15.91 26.50
CA SER A 75 -8.03 -14.63 26.91
C SER A 75 -7.02 -13.49 26.85
N ASP A 76 -5.73 -13.83 26.75
CA ASP A 76 -4.66 -12.85 26.56
C ASP A 76 -4.77 -12.16 25.19
N LEU A 77 -5.34 -12.87 24.23
CA LEU A 77 -5.26 -12.50 22.82
C LEU A 77 -6.10 -11.27 22.51
N VAL A 78 -5.58 -10.44 21.62
CA VAL A 78 -6.23 -9.19 21.25
C VAL A 78 -6.17 -9.12 19.73
N ASN A 79 -6.37 -7.92 19.18
CA ASN A 79 -6.45 -7.68 17.74
C ASN A 79 -5.38 -8.23 16.79
N TYR A 80 -4.14 -8.27 17.24
CA TYR A 80 -3.02 -8.69 16.40
C TYR A 80 -1.94 -9.39 17.21
N ASN A 81 -1.87 -10.70 17.03
CA ASN A 81 -0.93 -11.56 17.75
C ASN A 81 -0.51 -12.75 16.88
N PRO A 82 0.30 -12.50 15.84
CA PRO A 82 0.65 -13.57 14.91
C PRO A 82 1.51 -14.71 15.49
N ILE A 83 2.22 -14.46 16.59
CA ILE A 83 3.13 -15.45 17.17
C ILE A 83 2.53 -16.05 18.45
N ALA A 84 2.00 -15.19 19.31
CA ALA A 84 1.42 -15.59 20.60
C ALA A 84 0.24 -16.55 20.46
N GLU A 85 -0.49 -16.42 19.36
CA GLU A 85 -1.65 -17.27 19.10
C GLU A 85 -1.24 -18.70 18.76
N LYS A 86 0.06 -18.93 18.55
CA LYS A 86 0.59 -20.27 18.28
C LYS A 86 1.02 -20.97 19.57
N HIS A 87 0.90 -20.27 20.70
CA HIS A 87 1.42 -20.75 21.97
C HIS A 87 0.36 -20.76 23.07
N VAL A 88 -0.91 -20.85 22.67
CA VAL A 88 -2.00 -20.80 23.64
C VAL A 88 -1.98 -22.07 24.47
N ASN A 89 -1.95 -21.87 25.78
CA ASN A 89 -1.76 -22.93 26.79
C ASN A 89 -0.35 -23.51 26.82
N GLY A 90 0.60 -22.72 26.31
CA GLY A 90 2.03 -22.98 26.46
C GLY A 90 2.78 -21.76 26.98
N THR A 91 4.10 -21.86 27.09
CA THR A 91 4.90 -20.73 27.51
C THR A 91 5.73 -20.15 26.37
N MET A 92 6.30 -18.98 26.64
CA MET A 92 7.23 -18.30 25.77
C MET A 92 8.23 -17.60 26.68
N SER A 93 9.52 -17.64 26.36
CA SER A 93 10.53 -16.93 27.15
C SER A 93 10.50 -15.45 26.83
N LEU A 94 11.08 -14.63 27.70
CA LEU A 94 11.12 -13.18 27.49
C LEU A 94 11.95 -12.76 26.27
N ALA A 95 12.81 -13.66 25.80
CA ALA A 95 13.58 -13.44 24.57
C ALA A 95 12.69 -13.63 23.34
N GLU A 96 11.89 -14.70 23.38
CA GLU A 96 10.94 -15.04 22.30
C GLU A 96 9.88 -13.95 22.14
N LEU A 97 9.42 -13.41 23.28
CA LEU A 97 8.43 -12.35 23.31
C LEU A 97 9.02 -11.03 22.79
N SER A 98 10.26 -10.72 23.18
CA SER A 98 10.97 -9.55 22.66
C SER A 98 11.13 -9.61 21.14
N ALA A 99 11.55 -10.78 20.68
CA ALA A 99 11.73 -11.04 19.24
C ALA A 99 10.42 -10.99 18.47
N ALA A 100 9.33 -11.47 19.08
CA ALA A 100 7.99 -11.41 18.49
C ALA A 100 7.42 -9.98 18.40
N ALA A 101 7.56 -9.20 19.47
CA ALA A 101 7.11 -7.82 19.52
C ALA A 101 7.81 -6.96 18.49
N LEU A 102 9.13 -7.13 18.35
CA LEU A 102 9.95 -6.28 17.50
C LEU A 102 9.90 -6.67 16.02
N GLN A 103 9.84 -7.97 15.75
CA GLN A 103 9.97 -8.48 14.39
C GLN A 103 8.65 -8.81 13.69
N TYR A 104 7.62 -9.12 14.46
CA TYR A 104 6.30 -9.43 13.89
C TYR A 104 5.21 -8.49 14.39
N SER A 105 5.56 -7.64 15.35
CA SER A 105 4.67 -6.66 15.97
C SER A 105 3.45 -7.30 16.63
N ASP A 106 3.76 -8.26 17.51
CA ASP A 106 2.76 -9.00 18.28
C ASP A 106 2.38 -8.19 19.51
N ASN A 107 1.11 -7.81 19.58
CA ASN A 107 0.60 -7.01 20.69
C ASN A 107 0.56 -7.75 22.02
N VAL A 108 0.35 -9.07 21.98
CA VAL A 108 0.37 -9.88 23.20
C VAL A 108 1.80 -9.92 23.77
N ALA A 109 2.78 -10.14 22.89
CA ALA A 109 4.19 -10.09 23.28
C ALA A 109 4.57 -8.77 23.95
N MET A 110 4.15 -7.67 23.35
CA MET A 110 4.35 -6.32 23.90
C MET A 110 3.70 -6.17 25.28
N ASN A 111 2.47 -6.63 25.43
CA ASN A 111 1.75 -6.60 26.70
C ASN A 111 2.41 -7.42 27.81
N LYS A 112 3.02 -8.54 27.45
CA LYS A 112 3.79 -9.33 28.40
C LYS A 112 5.09 -8.61 28.80
N LEU A 113 5.74 -7.96 27.84
CA LEU A 113 6.90 -7.12 28.12
C LEU A 113 6.55 -5.94 29.03
N ILE A 114 5.43 -5.25 28.74
CA ILE A 114 4.93 -4.15 29.58
C ILE A 114 4.64 -4.61 31.02
N ALA A 115 3.96 -5.75 31.15
CA ALA A 115 3.53 -6.28 32.46
C ALA A 115 4.72 -6.76 33.29
N HIS A 116 5.73 -7.32 32.64
CA HIS A 116 6.91 -7.82 33.35
C HIS A 116 7.66 -6.72 34.10
N VAL A 117 7.87 -5.58 33.47
CA VAL A 117 8.59 -4.48 34.12
C VAL A 117 7.75 -3.75 35.17
N GLY A 118 6.44 -3.97 35.16
CA GLY A 118 5.55 -3.41 36.19
C GLY A 118 4.36 -2.61 35.67
N GLY A 119 4.26 -2.41 34.36
CA GLY A 119 3.18 -1.63 33.75
C GLY A 119 3.65 -0.46 32.88
N PRO A 120 2.70 0.27 32.28
CA PRO A 120 3.11 1.34 31.35
C PRO A 120 3.92 2.48 31.97
N ALA A 121 3.63 2.82 33.24
CA ALA A 121 4.36 3.88 33.94
C ALA A 121 5.78 3.43 34.28
N SER A 122 5.96 2.12 34.33
CA SER A 122 7.25 1.53 34.61
C SER A 122 8.12 1.51 33.36
N VAL A 123 7.52 1.61 32.18
CA VAL A 123 8.28 1.75 30.94
C VAL A 123 8.71 3.21 30.75
N THR A 124 7.87 4.14 31.21
CA THR A 124 8.16 5.56 31.25
C THR A 124 9.32 5.84 32.20
N ALA A 125 9.33 5.17 33.35
CA ALA A 125 10.41 5.30 34.32
C ALA A 125 11.76 4.88 33.75
N PHE A 126 11.76 3.80 32.97
CA PHE A 126 12.97 3.36 32.26
C PHE A 126 13.47 4.42 31.27
N ALA A 127 12.54 5.14 30.65
CA ALA A 127 12.89 6.20 29.70
C ALA A 127 13.50 7.42 30.42
N ARG A 128 13.04 7.68 31.64
CA ARG A 128 13.56 8.78 32.45
C ARG A 128 14.97 8.47 32.98
N GLN A 129 15.28 7.19 33.09
CA GLN A 129 16.59 6.71 33.48
C GLN A 129 17.65 7.01 32.41
N LEU A 130 17.24 6.94 31.15
CA LEU A 130 18.14 7.16 30.01
C LEU A 130 18.34 8.63 29.67
N GLY A 131 17.48 9.51 30.20
CA GLY A 131 17.57 10.95 29.95
C GLY A 131 16.52 11.48 28.99
N ASP A 132 15.51 10.65 28.71
CA ASP A 132 14.40 10.99 27.81
C ASP A 132 13.23 11.46 28.66
N GLU A 133 12.88 12.74 28.54
CA GLU A 133 11.82 13.32 29.35
C GLU A 133 10.51 13.57 28.60
N THR A 134 10.50 13.22 27.31
CA THR A 134 9.31 13.37 26.48
C THR A 134 8.49 12.08 26.38
N PHE A 135 9.14 10.93 26.26
CA PHE A 135 8.46 9.64 26.12
C PHE A 135 7.51 9.42 27.29
N ARG A 136 6.35 8.83 27.01
CA ARG A 136 5.42 8.39 28.04
C ARG A 136 4.58 7.23 27.53
N LEU A 137 4.45 6.20 28.35
CA LEU A 137 3.53 5.09 28.06
C LEU A 137 2.42 5.06 29.10
N ASP A 138 1.18 5.06 28.63
CA ASP A 138 0.01 5.20 29.50
C ASP A 138 -0.89 3.97 29.52
N ARG A 139 -1.06 3.34 28.36
CA ARG A 139 -1.97 2.20 28.21
C ARG A 139 -1.24 0.99 27.64
N THR A 140 -1.98 -0.08 27.35
CA THR A 140 -1.44 -1.31 26.78
C THR A 140 -1.92 -1.44 25.34
N GLU A 141 -1.41 -2.42 24.58
CA GLU A 141 -1.91 -2.64 23.22
C GLU A 141 -3.26 -3.38 23.31
N PRO A 142 -4.20 -3.02 22.44
CA PRO A 142 -3.96 -2.00 21.41
C PRO A 142 -4.47 -0.57 21.69
N THR A 143 -5.10 -0.32 22.84
CA THR A 143 -5.66 1.00 23.11
C THR A 143 -4.65 2.15 23.00
N LEU A 144 -3.34 1.87 23.08
CA LEU A 144 -2.32 2.92 22.98
C LEU A 144 -2.16 3.47 21.56
N ASN A 145 -2.88 2.89 20.61
CA ASN A 145 -2.82 3.26 19.19
C ASN A 145 -3.94 4.22 18.75
N THR A 146 -4.78 4.65 19.70
CA THR A 146 -5.93 5.49 19.39
C THR A 146 -5.55 6.78 18.66
N ALA A 147 -4.43 7.39 19.05
CA ALA A 147 -3.81 8.53 18.34
C ALA A 147 -4.76 9.68 18.02
N ILE A 148 -5.63 9.99 18.98
CA ILE A 148 -6.54 11.14 18.87
C ILE A 148 -5.72 12.45 18.87
N PRO A 149 -5.93 13.33 17.88
CA PRO A 149 -5.15 14.56 17.88
C PRO A 149 -5.36 15.34 19.17
N GLY A 150 -4.27 15.85 19.75
CA GLY A 150 -4.36 16.55 21.03
C GLY A 150 -4.03 15.68 22.24
N ASP A 151 -4.26 14.38 22.13
CA ASP A 151 -4.08 13.44 23.25
C ASP A 151 -2.58 13.24 23.56
N PRO A 152 -2.15 13.53 24.80
CA PRO A 152 -0.72 13.35 25.10
C PRO A 152 -0.36 11.92 25.49
N ARG A 153 -1.36 11.08 25.68
CA ARG A 153 -1.16 9.68 26.04
C ARG A 153 -0.43 8.88 24.96
N ASP A 154 0.59 8.14 25.40
CA ASP A 154 1.38 7.25 24.54
C ASP A 154 2.01 8.01 23.36
N THR A 155 2.67 9.11 23.68
CA THR A 155 3.31 9.97 22.69
C THR A 155 4.76 10.24 23.05
N THR A 156 5.52 10.67 22.04
CA THR A 156 6.86 11.24 22.20
C THR A 156 7.06 12.20 21.01
N SER A 157 8.21 12.86 20.97
CA SER A 157 8.56 13.78 19.89
C SER A 157 9.58 13.10 18.98
N PRO A 158 9.68 13.51 17.70
CA PRO A 158 10.70 12.88 16.85
C PRO A 158 12.15 13.06 17.32
N ARG A 159 12.49 14.22 17.87
CA ARG A 159 13.81 14.50 18.42
C ARG A 159 14.19 13.60 19.61
N ALA A 160 13.28 13.47 20.57
CA ALA A 160 13.53 12.63 21.75
C ALA A 160 13.70 11.16 21.39
N MET A 161 12.89 10.64 20.46
CA MET A 161 13.00 9.23 20.08
C MET A 161 14.29 8.94 19.30
N ALA A 162 14.66 9.84 18.41
CA ALA A 162 15.89 9.73 17.63
C ALA A 162 17.12 9.68 18.51
N GLN A 163 17.15 10.58 19.50
CA GLN A 163 18.21 10.64 20.50
C GLN A 163 18.28 9.35 21.30
N THR A 164 17.12 8.92 21.80
CA THR A 164 17.02 7.72 22.62
C THR A 164 17.40 6.46 21.82
N LEU A 165 16.99 6.39 20.55
CA LEU A 165 17.31 5.26 19.68
C LEU A 165 18.82 5.13 19.44
N ARG A 166 19.49 6.27 19.30
CA ARG A 166 20.94 6.31 19.13
C ARG A 166 21.65 5.80 20.37
N ASN A 167 21.16 6.21 21.53
CA ASN A 167 21.73 5.84 22.82
C ASN A 167 21.57 4.33 23.06
N LEU A 168 20.42 3.80 22.69
CA LEU A 168 20.13 2.38 22.87
C LEU A 168 20.89 1.48 21.89
N THR A 169 21.03 1.90 20.63
CA THR A 169 21.57 1.03 19.60
C THR A 169 23.06 1.28 19.28
N LEU A 170 23.54 2.49 19.51
CA LEU A 170 24.93 2.82 19.24
C LEU A 170 25.67 3.25 20.50
N GLY A 171 24.98 4.01 21.35
CA GLY A 171 25.59 4.58 22.56
C GLY A 171 25.70 3.61 23.73
N LYS A 172 25.81 4.18 24.93
CA LYS A 172 26.12 3.40 26.12
C LYS A 172 24.95 3.25 27.11
N ALA A 173 23.72 3.42 26.61
CA ALA A 173 22.51 3.33 27.44
C ALA A 173 22.25 1.92 28.00
N LEU A 174 22.64 0.91 27.21
CA LEU A 174 22.60 -0.48 27.62
C LEU A 174 24.01 -1.09 27.58
N GLY A 175 24.14 -2.28 28.17
CA GLY A 175 25.39 -3.03 28.10
C GLY A 175 25.66 -3.57 26.71
N ASP A 176 26.91 -3.95 26.45
CA ASP A 176 27.39 -4.28 25.12
C ASP A 176 26.62 -5.45 24.49
N SER A 177 26.40 -6.49 25.28
CA SER A 177 25.65 -7.68 24.87
C SER A 177 24.18 -7.34 24.59
N GLN A 178 23.62 -6.50 25.46
CA GLN A 178 22.23 -6.05 25.37
C GLN A 178 22.01 -5.13 24.15
N ARG A 179 22.97 -4.25 23.89
CA ARG A 179 22.94 -3.36 22.72
C ARG A 179 22.93 -4.13 21.40
N ALA A 180 23.89 -5.04 21.25
CA ALA A 180 23.98 -5.91 20.07
C ALA A 180 22.71 -6.74 19.83
N GLN A 181 22.11 -7.23 20.91
CA GLN A 181 20.87 -8.00 20.83
C GLN A 181 19.71 -7.20 20.24
N LEU A 182 19.50 -5.99 20.74
CA LEU A 182 18.49 -5.07 20.20
C LEU A 182 18.73 -4.76 18.72
N VAL A 183 19.98 -4.43 18.40
CA VAL A 183 20.44 -4.25 17.01
C VAL A 183 20.10 -5.46 16.12
N THR A 184 20.43 -6.66 16.62
CA THR A 184 20.13 -7.93 15.96
C THR A 184 18.62 -8.14 15.76
N TRP A 185 17.83 -7.80 16.77
CA TRP A 185 16.37 -7.90 16.68
C TRP A 185 15.78 -6.93 15.65
N MET A 186 16.15 -5.66 15.76
CA MET A 186 15.63 -4.61 14.87
C MET A 186 16.05 -4.83 13.42
N LYS A 187 17.28 -5.33 13.22
CA LYS A 187 17.77 -5.69 11.88
C LYS A 187 16.99 -6.85 11.27
N GLY A 188 16.51 -7.75 12.11
CA GLY A 188 15.72 -8.91 11.67
C GLY A 188 14.20 -8.73 11.63
N ASN A 189 13.76 -7.47 11.56
CA ASN A 189 12.33 -7.14 11.44
C ASN A 189 11.77 -7.53 10.07
N THR A 190 10.49 -7.93 10.05
CA THR A 190 9.81 -8.39 8.82
C THR A 190 8.77 -7.40 8.29
N THR A 191 8.48 -6.35 9.06
CA THR A 191 7.29 -5.50 8.82
C THR A 191 7.55 -4.18 8.11
N GLY A 192 8.82 -3.82 7.90
CA GLY A 192 9.17 -2.45 7.52
C GLY A 192 9.57 -2.18 6.07
N ALA A 193 9.21 -3.09 5.17
CA ALA A 193 9.68 -3.00 3.79
C ALA A 193 9.07 -1.86 2.97
N ALA A 194 7.89 -1.39 3.36
CA ALA A 194 7.20 -0.36 2.58
C ALA A 194 7.35 1.02 3.18
N SER A 195 8.06 1.11 4.30
CA SER A 195 8.13 2.36 5.05
C SER A 195 9.50 3.04 4.81
N ILE A 196 10.33 3.22 5.83
CA ILE A 196 11.60 3.93 5.64
C ILE A 196 12.49 3.24 4.60
N GLN A 197 12.55 1.91 4.65
CA GLN A 197 13.33 1.10 3.70
C GLN A 197 13.06 1.38 2.21
N ALA A 198 11.80 1.62 1.87
CA ALA A 198 11.37 1.84 0.50
C ALA A 198 11.94 3.12 -0.14
N GLY A 199 12.29 4.10 0.68
CA GLY A 199 12.91 5.33 0.20
C GLY A 199 14.43 5.35 0.29
N LEU A 200 15.02 4.18 0.55
CA LEU A 200 16.48 4.03 0.67
C LEU A 200 17.02 3.12 -0.44
N PRO A 201 18.34 3.20 -0.72
CA PRO A 201 18.88 2.20 -1.64
C PRO A 201 18.74 0.79 -1.10
N ALA A 202 18.46 -0.14 -2.02
CA ALA A 202 18.14 -1.53 -1.70
C ALA A 202 19.19 -2.24 -0.87
N SER A 203 20.45 -1.87 -1.07
CA SER A 203 21.60 -2.58 -0.52
C SER A 203 21.89 -2.22 0.94
N TRP A 204 21.30 -1.14 1.45
CA TRP A 204 21.61 -0.65 2.79
C TRP A 204 21.04 -1.55 3.87
N VAL A 205 21.78 -1.68 4.97
CA VAL A 205 21.35 -2.46 6.12
C VAL A 205 20.51 -1.55 7.00
N VAL A 206 19.31 -2.01 7.36
CA VAL A 206 18.36 -1.22 8.15
C VAL A 206 17.82 -2.04 9.32
N GLY A 207 17.70 -1.40 10.48
CA GLY A 207 16.99 -1.96 11.62
C GLY A 207 15.90 -0.99 12.04
N ASP A 208 14.64 -1.45 11.98
CA ASP A 208 13.50 -0.54 12.18
C ASP A 208 12.33 -1.17 12.95
N LYS A 209 11.48 -0.29 13.48
CA LYS A 209 10.22 -0.68 14.09
C LYS A 209 9.12 0.23 13.56
N THR A 210 8.10 -0.40 12.97
CA THR A 210 7.00 0.29 12.33
C THR A 210 5.85 0.45 13.32
N GLY A 211 4.81 1.18 12.89
CA GLY A 211 3.63 1.43 13.71
C GLY A 211 2.51 2.09 12.93
N SER A 212 1.27 1.75 13.25
CA SER A 212 0.10 2.38 12.67
C SER A 212 -1.07 2.38 13.65
N GLY A 213 -2.03 3.29 13.44
CA GLY A 213 -3.16 3.38 14.35
C GLY A 213 -4.22 4.36 13.89
N GLY A 214 -4.99 4.86 14.84
CA GLY A 214 -6.12 5.76 14.56
C GLY A 214 -5.69 7.03 13.84
N TYR A 215 -6.61 7.57 13.04
CA TYR A 215 -6.40 8.81 12.28
C TYR A 215 -5.33 8.63 11.19
N GLY A 216 -5.22 7.40 10.70
CA GLY A 216 -4.24 7.04 9.68
C GLY A 216 -2.80 7.27 10.10
N THR A 217 -2.52 7.13 11.40
CA THR A 217 -1.18 7.34 11.94
C THR A 217 -0.23 6.26 11.39
N THR A 218 0.83 6.69 10.72
CA THR A 218 1.78 5.79 10.08
C THR A 218 3.19 6.16 10.56
N ASN A 219 3.85 5.22 11.23
CA ASN A 219 5.11 5.50 11.95
C ASN A 219 6.24 4.52 11.58
N ASP A 220 7.47 4.98 11.75
CA ASP A 220 8.65 4.13 11.63
C ASP A 220 9.88 4.82 12.22
N ILE A 221 10.60 4.09 13.07
CA ILE A 221 11.87 4.55 13.66
C ILE A 221 12.99 3.60 13.23
N ALA A 222 14.16 4.13 12.85
CA ALA A 222 15.19 3.32 12.20
C ALA A 222 16.65 3.73 12.44
N VAL A 223 17.52 2.73 12.45
CA VAL A 223 18.95 2.96 12.38
C VAL A 223 19.47 2.31 11.09
N ILE A 224 20.12 3.13 10.27
CA ILE A 224 20.47 2.80 8.89
C ILE A 224 21.99 2.75 8.77
N TRP A 225 22.53 1.65 8.26
CA TRP A 225 23.98 1.47 8.14
C TRP A 225 24.37 1.30 6.67
N PRO A 226 24.67 2.40 5.97
CA PRO A 226 25.11 2.24 4.58
C PRO A 226 26.53 1.69 4.53
N LYS A 227 26.81 0.82 3.56
CA LYS A 227 28.15 0.27 3.39
C LYS A 227 29.17 1.40 3.18
N ASP A 228 30.32 1.26 3.85
CA ASP A 228 31.44 2.21 3.80
C ASP A 228 31.09 3.62 4.25
N ARG A 229 30.12 3.70 5.17
CA ARG A 229 29.64 4.97 5.71
C ARG A 229 29.44 4.83 7.22
N ALA A 230 29.12 5.94 7.86
CA ALA A 230 28.77 6.00 9.28
C ALA A 230 27.25 5.93 9.37
N PRO A 231 26.71 5.35 10.45
CA PRO A 231 25.28 5.09 10.43
C PRO A 231 24.40 6.32 10.67
N LEU A 232 23.11 6.14 10.37
CA LEU A 232 22.10 7.20 10.46
C LEU A 232 20.97 6.76 11.39
N ILE A 233 20.40 7.69 12.15
CA ILE A 233 19.19 7.41 12.94
C ILE A 233 18.06 8.24 12.33
N LEU A 234 16.92 7.61 12.02
CA LEU A 234 15.78 8.31 11.45
C LEU A 234 14.46 7.96 12.12
N VAL A 235 13.70 8.99 12.51
CA VAL A 235 12.33 8.85 13.02
C VAL A 235 11.36 9.60 12.08
N THR A 236 10.42 8.88 11.49
CA THR A 236 9.36 9.46 10.67
C THR A 236 7.99 9.11 11.25
N TYR A 237 7.27 10.14 11.70
CA TYR A 237 5.94 10.00 12.31
C TYR A 237 4.93 10.77 11.46
N PHE A 238 3.86 10.12 11.02
CA PHE A 238 2.84 10.79 10.21
C PHE A 238 1.42 10.54 10.75
N THR A 239 0.57 11.56 10.69
CA THR A 239 -0.84 11.41 11.10
C THR A 239 -1.83 12.34 10.39
N GLN A 240 -3.05 11.85 10.16
CA GLN A 240 -4.04 12.49 9.30
C GLN A 240 -5.25 13.03 10.08
N PRO A 241 -6.02 13.96 9.48
CA PRO A 241 -7.12 14.60 10.22
C PRO A 241 -8.39 13.77 10.37
N GLN A 242 -8.58 12.76 9.51
CA GLN A 242 -9.82 11.96 9.49
C GLN A 242 -9.67 10.74 10.40
N PRO A 243 -10.69 10.45 11.22
CA PRO A 243 -10.56 9.35 12.19
C PRO A 243 -10.28 7.97 11.59
N LYS A 244 -10.88 7.64 10.46
CA LYS A 244 -10.74 6.31 9.86
C LYS A 244 -9.83 6.30 8.63
N ALA A 245 -8.95 7.30 8.56
CA ALA A 245 -7.99 7.44 7.46
C ALA A 245 -7.11 6.19 7.31
N GLU A 246 -6.81 5.81 6.09
CA GLU A 246 -5.93 4.69 5.80
C GLU A 246 -4.49 5.08 5.94
N SER A 247 -3.63 4.12 6.13
CA SER A 247 -2.23 4.37 6.34
C SER A 247 -1.56 5.03 5.18
N ARG A 248 -0.51 5.77 5.42
CA ARG A 248 0.28 6.34 4.36
C ARG A 248 1.76 6.06 4.51
N ARG A 249 2.17 4.84 4.29
CA ARG A 249 3.57 4.46 4.43
C ARG A 249 4.41 5.12 3.41
N ASP A 250 3.83 5.41 2.26
CA ASP A 250 4.54 6.06 1.17
C ASP A 250 5.08 7.44 1.55
N VAL A 251 4.39 8.15 2.45
CA VAL A 251 4.91 9.42 2.95
C VAL A 251 6.22 9.20 3.74
N LEU A 252 6.30 8.11 4.48
CA LEU A 252 7.51 7.77 5.25
C LEU A 252 8.72 7.42 4.37
N ALA A 253 8.47 6.61 3.34
CA ALA A 253 9.47 6.34 2.30
C ALA A 253 9.95 7.61 1.59
N SER A 254 9.02 8.51 1.26
CA SER A 254 9.36 9.75 0.57
C SER A 254 10.21 10.67 1.45
N ALA A 255 9.82 10.84 2.71
CA ALA A 255 10.61 11.59 3.69
C ALA A 255 12.01 11.00 3.87
N ALA A 256 12.10 9.67 3.84
CA ALA A 256 13.39 8.98 3.91
C ALA A 256 14.30 9.35 2.75
N LYS A 257 13.76 9.34 1.53
CA LYS A 257 14.55 9.67 0.35
C LYS A 257 15.08 11.10 0.40
N ILE A 258 14.20 12.06 0.68
CA ILE A 258 14.54 13.48 0.79
C ILE A 258 15.74 13.74 1.71
N VAL A 259 15.79 13.06 2.86
CA VAL A 259 16.82 13.30 3.88
C VAL A 259 18.12 12.48 3.72
N THR A 260 18.13 11.43 2.90
CA THR A 260 19.35 10.62 2.73
C THR A 260 20.17 10.92 1.46
N ASP A 261 19.62 11.63 0.47
CA ASP A 261 20.40 11.92 -0.73
C ASP A 261 20.83 13.38 -0.85
N ASP B 4 -14.19 -4.44 9.77
CA ASP B 4 -13.95 -5.90 9.57
C ASP B 4 -13.62 -6.17 8.12
N VAL B 5 -14.50 -5.76 7.22
CA VAL B 5 -14.18 -5.81 5.81
C VAL B 5 -13.08 -4.78 5.52
N GLN B 6 -13.12 -3.64 6.21
CA GLN B 6 -12.02 -2.69 6.22
C GLN B 6 -10.78 -3.26 6.89
N GLN B 7 -10.98 -4.05 7.94
CA GLN B 7 -9.86 -4.67 8.65
C GLN B 7 -9.22 -5.78 7.83
N LYS B 8 -10.06 -6.65 7.26
CA LYS B 8 -9.61 -7.75 6.41
C LYS B 8 -8.81 -7.27 5.19
N LEU B 9 -9.22 -6.14 4.63
CA LEU B 9 -8.55 -5.54 3.47
C LEU B 9 -7.21 -4.88 3.83
N ALA B 10 -7.12 -4.35 5.03
CA ALA B 10 -5.90 -3.82 5.63
C ALA B 10 -4.81 -4.82 6.00
N GLU B 11 -5.25 -5.96 6.52
CA GLU B 11 -4.37 -7.10 6.82
C GLU B 11 -3.77 -7.71 5.55
N LEU B 12 -4.60 -7.85 4.51
CA LEU B 12 -4.15 -8.41 3.28
C LEU B 12 -3.18 -7.47 2.70
N GLU B 13 -3.42 -6.20 2.95
CA GLU B 13 -2.49 -5.22 2.44
C GLU B 13 -1.15 -5.32 3.13
N ARG B 14 -1.17 -5.59 4.43
CA ARG B 14 0.04 -5.67 5.23
C ARG B 14 0.88 -6.86 4.82
N GLN B 15 0.25 -8.02 4.70
CA GLN B 15 0.90 -9.27 4.28
C GLN B 15 1.47 -9.25 2.86
N SER B 16 0.84 -8.49 1.96
CA SER B 16 1.27 -8.40 0.55
C SER B 16 2.54 -7.56 0.36
N GLY B 17 2.70 -6.55 1.21
CA GLY B 17 3.88 -5.69 1.18
C GLY B 17 3.70 -4.42 0.38
N GLY B 18 2.53 -4.27 -0.25
CA GLY B 18 2.29 -3.19 -1.21
C GLY B 18 1.11 -2.30 -0.86
N ARG B 19 0.60 -1.59 -1.86
CA ARG B 19 -0.52 -0.66 -1.69
C ARG B 19 -1.71 -1.11 -2.54
N LEU B 20 -2.84 -1.34 -1.87
CA LEU B 20 -4.07 -1.91 -2.46
C LEU B 20 -5.20 -0.88 -2.53
N GLY B 21 -5.89 -0.84 -3.67
CA GLY B 21 -7.02 0.06 -3.87
C GLY B 21 -8.24 -0.69 -4.40
N VAL B 22 -9.31 -0.71 -3.62
CA VAL B 22 -10.53 -1.49 -3.91
C VAL B 22 -11.75 -0.57 -3.98
N ALA B 23 -12.74 -0.96 -4.78
CA ALA B 23 -14.03 -0.26 -4.87
C ALA B 23 -15.08 -1.22 -5.46
N LEU B 24 -16.10 -1.54 -4.66
CA LEU B 24 -17.25 -2.34 -5.08
C LEU B 24 -18.56 -1.55 -5.07
N ILE B 25 -19.39 -1.75 -6.08
CA ILE B 25 -20.75 -1.20 -6.13
C ILE B 25 -21.73 -2.36 -6.32
N ASN B 26 -22.65 -2.50 -5.37
CA ASN B 26 -23.69 -3.54 -5.41
C ASN B 26 -25.01 -2.90 -5.83
N THR B 27 -25.51 -3.25 -7.02
CA THR B 27 -26.76 -2.66 -7.54
C THR B 27 -28.04 -3.21 -6.87
N ALA B 28 -27.89 -4.25 -6.07
CA ALA B 28 -29.01 -4.78 -5.30
C ALA B 28 -29.60 -3.71 -4.38
N ASP B 29 -28.72 -2.96 -3.70
CA ASP B 29 -29.15 -1.92 -2.77
C ASP B 29 -28.41 -0.57 -2.87
N ASN B 30 -27.65 -0.38 -3.95
CA ASN B 30 -26.88 0.83 -4.23
C ASN B 30 -25.71 1.08 -3.28
N SER B 31 -25.35 0.06 -2.50
CA SER B 31 -24.28 0.16 -1.49
C SER B 31 -22.89 0.04 -2.13
N GLN B 32 -21.89 0.54 -1.40
CA GLN B 32 -20.51 0.58 -1.89
C GLN B 32 -19.56 0.13 -0.78
N ILE B 33 -18.47 -0.57 -1.17
CA ILE B 33 -17.36 -0.87 -0.26
C ILE B 33 -16.07 -0.28 -0.84
N LEU B 34 -15.49 0.69 -0.12
CA LEU B 34 -14.37 1.46 -0.64
C LEU B 34 -13.11 1.40 0.23
N TYR B 35 -11.96 1.25 -0.42
CA TYR B 35 -10.66 1.21 0.27
C TYR B 35 -9.59 1.90 -0.59
N ARG B 36 -9.09 3.03 -0.08
CA ARG B 36 -8.23 3.97 -0.82
C ARG B 36 -8.93 4.41 -2.11
N ALA B 37 -10.21 4.73 -1.99
CA ALA B 37 -11.03 5.02 -3.15
C ALA B 37 -10.50 6.20 -3.95
N ASP B 38 -10.00 7.22 -3.25
CA ASP B 38 -9.65 8.48 -3.91
C ASP B 38 -8.15 8.63 -4.16
N GLU B 39 -7.38 7.58 -3.87
CA GLU B 39 -5.96 7.54 -4.19
C GLU B 39 -5.71 7.19 -5.67
N ARG B 40 -4.73 7.84 -6.29
CA ARG B 40 -4.37 7.56 -7.68
C ARG B 40 -3.54 6.27 -7.83
N PHE B 41 -3.95 5.42 -8.77
CA PHE B 41 -3.29 4.16 -9.08
C PHE B 41 -3.07 4.09 -10.60
N ALA B 42 -1.91 3.62 -11.03
CA ALA B 42 -1.60 3.49 -12.44
C ALA B 42 -2.42 2.36 -13.04
N MET B 43 -3.22 2.68 -14.05
CA MET B 43 -4.19 1.76 -14.62
C MET B 43 -3.58 0.64 -15.45
N CYS B 44 -2.52 0.97 -16.19
CA CYS B 44 -1.86 0.05 -17.12
C CYS B 44 -2.84 -0.40 -18.23
N SER B 45 -2.91 -1.69 -18.51
CA SER B 45 -3.76 -2.19 -19.60
C SER B 45 -5.28 -2.15 -19.31
N THR B 46 -5.67 -1.77 -18.11
CA THR B 46 -7.09 -1.60 -17.77
C THR B 46 -7.66 -0.33 -18.42
N SER B 47 -6.77 0.52 -18.90
CA SER B 47 -7.12 1.76 -19.61
C SER B 47 -7.75 1.46 -20.97
N LYS B 48 -7.57 0.23 -21.45
CA LYS B 48 -8.07 -0.20 -22.76
C LYS B 48 -9.59 -0.23 -22.82
N VAL B 49 -10.24 -0.41 -21.67
CA VAL B 49 -11.71 -0.31 -21.56
C VAL B 49 -12.22 1.08 -21.96
N MET B 50 -11.56 2.13 -21.47
CA MET B 50 -11.92 3.50 -21.84
C MET B 50 -11.64 3.81 -23.30
N ALA B 51 -10.52 3.32 -23.83
CA ALA B 51 -10.17 3.56 -25.22
C ALA B 51 -11.19 2.95 -26.18
N ALA B 52 -11.61 1.72 -25.90
CA ALA B 52 -12.62 1.04 -26.72
C ALA B 52 -13.99 1.70 -26.61
N ALA B 53 -14.33 2.17 -25.40
CA ALA B 53 -15.61 2.87 -25.17
C ALA B 53 -15.66 4.24 -25.84
N ALA B 54 -14.48 4.87 -25.95
CA ALA B 54 -14.31 6.12 -26.70
C ALA B 54 -14.54 5.90 -28.19
N VAL B 55 -14.05 4.75 -28.68
CA VAL B 55 -14.22 4.33 -30.07
C VAL B 55 -15.69 3.94 -30.35
N LEU B 56 -16.35 3.35 -29.38
CA LEU B 56 -17.78 3.04 -29.52
C LEU B 56 -18.65 4.30 -29.57
N LYS B 57 -18.33 5.30 -28.74
CA LYS B 57 -19.10 6.54 -28.69
C LYS B 57 -18.95 7.34 -29.98
N LYS B 58 -17.73 7.38 -30.52
CA LYS B 58 -17.45 8.02 -31.80
C LYS B 58 -18.18 7.35 -32.96
N SER B 59 -18.51 6.07 -32.78
CA SER B 59 -19.19 5.27 -33.80
C SER B 59 -20.71 5.48 -33.81
N GLU B 60 -21.24 6.25 -32.88
CA GLU B 60 -22.68 6.48 -32.87
C GLU B 60 -23.10 7.51 -33.91
N SER B 61 -22.20 8.41 -34.30
CA SER B 61 -22.44 9.28 -35.43
C SER B 61 -22.35 8.53 -36.76
N GLU B 62 -21.41 7.58 -36.82
CA GLU B 62 -21.11 6.83 -38.04
C GLU B 62 -21.19 5.34 -37.70
N PRO B 63 -22.38 4.71 -37.74
CA PRO B 63 -22.45 3.41 -37.07
C PRO B 63 -21.52 2.34 -37.61
N ASN B 64 -21.11 2.44 -38.88
CA ASN B 64 -20.30 1.38 -39.48
C ASN B 64 -18.83 1.75 -39.49
N LEU B 65 -18.42 2.50 -38.47
CA LEU B 65 -17.02 2.76 -38.16
C LEU B 65 -16.25 1.50 -37.74
N LEU B 66 -16.87 0.66 -36.92
CA LEU B 66 -16.20 -0.55 -36.44
C LEU B 66 -15.75 -1.49 -37.56
N ASN B 67 -16.29 -1.29 -38.76
CA ASN B 67 -15.98 -2.16 -39.90
C ASN B 67 -14.93 -1.53 -40.83
N GLN B 68 -14.51 -0.31 -40.50
CA GLN B 68 -13.37 0.33 -41.13
C GLN B 68 -12.12 -0.51 -40.97
N ARG B 69 -11.34 -0.62 -42.05
CA ARG B 69 -10.07 -1.33 -41.98
C ARG B 69 -8.91 -0.40 -41.59
N VAL B 70 -8.02 -0.90 -40.76
CA VAL B 70 -6.83 -0.16 -40.33
C VAL B 70 -5.56 -0.94 -40.67
N GLU B 71 -4.63 -0.27 -41.34
CA GLU B 71 -3.37 -0.86 -41.79
C GLU B 71 -2.47 -1.27 -40.62
N ILE B 72 -1.89 -2.47 -40.71
CA ILE B 72 -0.98 -3.00 -39.70
C ILE B 72 0.44 -3.07 -40.29
N LYS B 73 1.31 -2.19 -39.81
CA LYS B 73 2.68 -2.07 -40.30
C LYS B 73 3.62 -2.87 -39.41
N LYS B 74 4.86 -3.02 -39.87
CA LYS B 74 5.92 -3.66 -39.09
C LYS B 74 6.39 -2.69 -37.99
N SER B 75 6.41 -1.40 -38.34
CA SER B 75 6.84 -0.32 -37.45
C SER B 75 5.90 -0.14 -36.25
N ASP B 76 4.64 -0.55 -36.41
CA ASP B 76 3.61 -0.43 -35.38
C ASP B 76 3.85 -1.37 -34.19
N LEU B 77 4.57 -2.44 -34.46
CA LEU B 77 4.74 -3.53 -33.54
C LEU B 77 5.56 -3.17 -32.36
N VAL B 78 5.14 -3.70 -31.22
CA VAL B 78 5.59 -3.28 -29.91
C VAL B 78 5.99 -4.47 -28.99
N ASN B 79 5.76 -4.42 -27.69
CA ASN B 79 6.16 -5.51 -26.80
C ASN B 79 5.20 -6.69 -26.62
N TYR B 80 3.91 -6.44 -26.68
CA TYR B 80 2.87 -7.45 -26.58
C TYR B 80 1.73 -7.22 -27.56
N ASN B 81 1.77 -8.03 -28.60
CA ASN B 81 0.87 -7.95 -29.71
C ASN B 81 0.61 -9.28 -30.41
N PRO B 82 0.02 -10.27 -29.74
CA PRO B 82 -0.14 -11.58 -30.38
C PRO B 82 -1.11 -11.63 -31.56
N ILE B 83 -2.04 -10.69 -31.62
CA ILE B 83 -3.06 -10.69 -32.66
C ILE B 83 -2.63 -9.83 -33.85
N ALA B 84 -2.06 -8.67 -33.58
CA ALA B 84 -1.63 -7.76 -34.64
C ALA B 84 -0.43 -8.28 -35.43
N GLU B 85 0.45 -9.02 -34.76
CA GLU B 85 1.63 -9.59 -35.42
C GLU B 85 1.24 -10.63 -36.49
N LYS B 86 0.04 -11.18 -36.37
CA LYS B 86 -0.49 -12.13 -37.37
C LYS B 86 -0.91 -11.46 -38.67
N HIS B 87 -1.10 -10.13 -38.64
CA HIS B 87 -1.69 -9.39 -39.75
C HIS B 87 -0.78 -8.31 -40.34
N VAL B 88 0.53 -8.47 -40.22
CA VAL B 88 1.48 -7.46 -40.70
C VAL B 88 1.41 -7.36 -42.23
N ASN B 89 1.52 -6.12 -42.72
CA ASN B 89 1.36 -5.76 -44.14
C ASN B 89 -0.05 -6.01 -44.68
N GLY B 90 -0.99 -6.19 -43.75
CA GLY B 90 -2.42 -6.26 -44.05
C GLY B 90 -3.22 -5.36 -43.13
N THR B 91 -4.50 -5.67 -42.93
CA THR B 91 -5.40 -4.82 -42.13
C THR B 91 -6.21 -5.57 -41.06
N MET B 92 -6.87 -4.78 -40.22
CA MET B 92 -7.83 -5.24 -39.21
C MET B 92 -8.90 -4.17 -39.04
N SER B 93 -10.15 -4.55 -38.77
CA SER B 93 -11.20 -3.55 -38.56
C SER B 93 -11.16 -3.06 -37.12
N LEU B 94 -11.83 -1.94 -36.84
CA LEU B 94 -11.81 -1.36 -35.50
C LEU B 94 -12.50 -2.26 -34.46
N ALA B 95 -13.44 -3.09 -34.90
CA ALA B 95 -14.08 -4.08 -34.03
C ALA B 95 -13.12 -5.20 -33.64
N GLU B 96 -12.33 -5.67 -34.61
CA GLU B 96 -11.33 -6.71 -34.37
C GLU B 96 -10.17 -6.16 -33.54
N LEU B 97 -9.79 -4.90 -33.77
CA LEU B 97 -8.75 -4.26 -32.98
C LEU B 97 -9.24 -4.07 -31.56
N SER B 98 -10.51 -3.66 -31.43
CA SER B 98 -11.15 -3.52 -30.12
C SER B 98 -11.18 -4.83 -29.36
N ALA B 99 -11.56 -5.90 -30.04
CA ALA B 99 -11.64 -7.23 -29.41
C ALA B 99 -10.28 -7.79 -28.99
N ALA B 100 -9.27 -7.60 -29.84
CA ALA B 100 -7.90 -8.05 -29.56
C ALA B 100 -7.29 -7.30 -28.37
N ALA B 101 -7.63 -6.02 -28.27
CA ALA B 101 -7.16 -5.17 -27.18
C ALA B 101 -7.79 -5.57 -25.84
N LEU B 102 -9.08 -5.88 -25.88
CA LEU B 102 -9.87 -6.17 -24.69
C LEU B 102 -9.78 -7.63 -24.23
N GLN B 103 -9.68 -8.58 -25.16
CA GLN B 103 -9.68 -10.00 -24.82
C GLN B 103 -8.29 -10.68 -24.82
N TYR B 104 -7.34 -10.14 -25.57
CA TYR B 104 -5.97 -10.68 -25.62
C TYR B 104 -4.92 -9.69 -25.14
N SER B 105 -5.36 -8.48 -24.82
CA SER B 105 -4.51 -7.38 -24.32
C SER B 105 -3.32 -7.07 -25.22
N ASP B 106 -3.65 -6.88 -26.49
CA ASP B 106 -2.71 -6.59 -27.56
C ASP B 106 -2.43 -5.09 -27.56
N ASN B 107 -1.15 -4.70 -27.47
CA ASN B 107 -0.78 -3.30 -27.30
C ASN B 107 -0.80 -2.49 -28.61
N VAL B 108 -0.60 -3.16 -29.74
CA VAL B 108 -0.73 -2.54 -31.05
C VAL B 108 -2.19 -2.14 -31.30
N ALA B 109 -3.10 -3.05 -30.97
CA ALA B 109 -4.53 -2.80 -31.08
C ALA B 109 -4.96 -1.58 -30.26
N MET B 110 -4.46 -1.48 -29.04
CA MET B 110 -4.74 -0.33 -28.15
C MET B 110 -4.28 1.00 -28.74
N ASN B 111 -3.06 1.01 -29.30
CA ASN B 111 -2.51 2.22 -29.90
C ASN B 111 -3.30 2.72 -31.10
N LYS B 112 -3.85 1.78 -31.87
CA LYS B 112 -4.77 2.12 -32.96
C LYS B 112 -6.07 2.73 -32.45
N LEU B 113 -6.64 2.16 -31.38
CA LEU B 113 -7.85 2.71 -30.75
C LEU B 113 -7.62 4.15 -30.28
N ILE B 114 -6.52 4.37 -29.56
CA ILE B 114 -6.10 5.69 -29.10
C ILE B 114 -5.90 6.67 -30.25
N ALA B 115 -5.18 6.24 -31.30
CA ALA B 115 -4.90 7.08 -32.46
C ALA B 115 -6.15 7.44 -33.26
N HIS B 116 -7.12 6.52 -33.33
CA HIS B 116 -8.32 6.73 -34.10
C HIS B 116 -9.23 7.80 -33.48
N VAL B 117 -9.21 7.96 -32.16
CA VAL B 117 -10.01 9.01 -31.53
C VAL B 117 -9.26 10.33 -31.39
N GLY B 118 -7.96 10.31 -31.67
CA GLY B 118 -7.15 11.53 -31.78
C GLY B 118 -6.00 11.64 -30.79
N GLY B 119 -5.64 10.55 -30.14
CA GLY B 119 -4.55 10.55 -29.16
C GLY B 119 -5.04 10.41 -27.73
N PRO B 120 -4.11 10.32 -26.76
CA PRO B 120 -4.46 10.06 -25.36
C PRO B 120 -5.28 11.14 -24.66
N ALA B 121 -5.16 12.39 -25.11
CA ALA B 121 -5.95 13.47 -24.49
C ALA B 121 -7.42 13.41 -24.92
N SER B 122 -7.68 12.81 -26.08
CA SER B 122 -9.04 12.63 -26.58
C SER B 122 -9.79 11.56 -25.80
N VAL B 123 -9.08 10.51 -25.40
CA VAL B 123 -9.64 9.44 -24.57
C VAL B 123 -10.05 10.01 -23.21
N THR B 124 -9.21 10.88 -22.67
CA THR B 124 -9.49 11.59 -21.42
C THR B 124 -10.66 12.57 -21.55
N ALA B 125 -10.76 13.25 -22.68
CA ALA B 125 -11.89 14.15 -22.93
C ALA B 125 -13.22 13.41 -22.89
N PHE B 126 -13.24 12.20 -23.44
CA PHE B 126 -14.39 11.32 -23.43
C PHE B 126 -14.79 10.95 -22.00
N ALA B 127 -13.79 10.67 -21.17
CA ALA B 127 -14.01 10.36 -19.75
C ALA B 127 -14.59 11.54 -19.00
N ARG B 128 -14.18 12.75 -19.38
CA ARG B 128 -14.69 13.98 -18.76
C ARG B 128 -16.17 14.21 -19.12
N GLN B 129 -16.56 13.79 -20.31
CA GLN B 129 -17.93 13.95 -20.81
C GLN B 129 -18.89 12.97 -20.14
N LEU B 130 -18.34 11.97 -19.46
CA LEU B 130 -19.13 11.03 -18.68
C LEU B 130 -19.14 11.42 -17.21
N GLY B 131 -18.47 12.53 -16.89
CA GLY B 131 -18.39 13.02 -15.52
C GLY B 131 -17.26 12.42 -14.68
N ASP B 132 -16.25 11.86 -15.33
CA ASP B 132 -15.06 11.33 -14.65
C ASP B 132 -13.94 12.37 -14.74
N GLU B 133 -13.64 13.02 -13.61
CA GLU B 133 -12.61 14.07 -13.53
C GLU B 133 -11.24 13.56 -13.06
N THR B 134 -11.17 12.28 -12.74
CA THR B 134 -9.98 11.66 -12.18
C THR B 134 -9.10 10.98 -13.24
N PHE B 135 -9.70 10.16 -14.09
CA PHE B 135 -9.00 9.44 -15.17
C PHE B 135 -8.13 10.36 -16.00
N ARG B 136 -6.87 9.98 -16.17
CA ARG B 136 -6.01 10.62 -17.18
C ARG B 136 -5.15 9.61 -17.92
N LEU B 137 -5.23 9.68 -19.25
CA LEU B 137 -4.39 8.88 -20.15
C LEU B 137 -3.39 9.80 -20.83
N ASP B 138 -2.10 9.58 -20.58
CA ASP B 138 -1.05 10.49 -21.01
C ASP B 138 -0.22 9.95 -22.17
N ARG B 139 0.13 8.66 -22.10
CA ARG B 139 1.03 8.04 -23.07
C ARG B 139 0.34 6.90 -23.81
N THR B 140 1.04 6.35 -24.81
CA THR B 140 0.62 5.15 -25.54
C THR B 140 1.24 3.92 -24.87
N GLU B 141 0.87 2.74 -25.34
CA GLU B 141 1.47 1.50 -24.86
C GLU B 141 2.81 1.31 -25.59
N PRO B 142 3.85 0.81 -24.88
CA PRO B 142 3.86 0.26 -23.52
C PRO B 142 4.27 1.23 -22.40
N THR B 143 4.58 2.48 -22.72
CA THR B 143 5.12 3.39 -21.71
C THR B 143 4.11 3.84 -20.66
N LEU B 144 2.82 3.58 -20.86
CA LEU B 144 1.81 3.96 -19.86
C LEU B 144 1.81 3.00 -18.67
N ASN B 145 2.55 1.90 -18.82
CA ASN B 145 2.69 0.89 -17.77
C ASN B 145 3.86 1.13 -16.80
N THR B 146 4.55 2.28 -16.89
CA THR B 146 5.74 2.54 -16.05
C THR B 146 5.44 2.43 -14.55
N ALA B 147 4.31 2.99 -14.14
CA ALA B 147 3.80 2.92 -12.76
C ALA B 147 4.80 3.37 -11.69
N ILE B 148 5.47 4.48 -11.94
CA ILE B 148 6.44 5.03 -11.00
C ILE B 148 5.67 5.69 -9.87
N PRO B 149 5.98 5.34 -8.61
CA PRO B 149 5.16 5.83 -7.50
C PRO B 149 5.19 7.35 -7.38
N GLY B 150 4.01 7.96 -7.32
CA GLY B 150 3.87 9.42 -7.20
C GLY B 150 3.62 10.09 -8.54
N ASP B 151 3.76 9.32 -9.61
CA ASP B 151 3.58 9.84 -10.97
C ASP B 151 2.08 9.80 -11.28
N PRO B 152 1.47 10.97 -11.53
CA PRO B 152 0.03 10.96 -11.80
C PRO B 152 -0.34 10.57 -13.24
N ARG B 153 0.64 10.32 -14.08
CA ARG B 153 0.40 10.00 -15.47
C ARG B 153 -0.21 8.62 -15.60
N ASP B 154 -1.22 8.51 -16.46
CA ASP B 154 -1.97 7.27 -16.71
C ASP B 154 -2.54 6.62 -15.44
N THR B 155 -3.14 7.46 -14.59
CA THR B 155 -3.75 7.01 -13.34
C THR B 155 -5.24 7.36 -13.25
N THR B 156 -5.90 6.72 -12.28
CA THR B 156 -7.28 6.97 -11.91
C THR B 156 -7.44 6.48 -10.47
N SER B 157 -8.57 6.80 -9.83
CA SER B 157 -8.84 6.35 -8.46
C SER B 157 -9.83 5.18 -8.49
N PRO B 158 -9.72 4.23 -7.55
CA PRO B 158 -10.70 3.13 -7.57
C PRO B 158 -12.18 3.56 -7.61
N ARG B 159 -12.54 4.62 -6.90
CA ARG B 159 -13.91 5.17 -6.88
C ARG B 159 -14.37 5.64 -8.26
N ALA B 160 -13.52 6.42 -8.92
CA ALA B 160 -13.84 6.98 -10.23
C ALA B 160 -14.02 5.92 -11.30
N MET B 161 -13.13 4.93 -11.34
CA MET B 161 -13.24 3.88 -12.34
C MET B 161 -14.47 3.00 -12.13
N ALA B 162 -14.78 2.66 -10.87
CA ALA B 162 -16.01 1.92 -10.56
C ALA B 162 -17.26 2.65 -11.04
N GLN B 163 -17.29 3.96 -10.85
CA GLN B 163 -18.42 4.80 -11.28
C GLN B 163 -18.54 4.91 -12.81
N THR B 164 -17.40 4.92 -13.49
CA THR B 164 -17.39 5.01 -14.94
C THR B 164 -17.71 3.66 -15.60
N LEU B 165 -17.15 2.58 -15.06
CA LEU B 165 -17.46 1.23 -15.54
C LEU B 165 -18.94 0.87 -15.33
N ARG B 166 -19.55 1.36 -14.24
CA ARG B 166 -20.98 1.16 -14.00
C ARG B 166 -21.82 1.81 -15.09
N ASN B 167 -21.43 3.03 -15.45
CA ASN B 167 -22.12 3.79 -16.49
C ASN B 167 -21.85 3.24 -17.88
N LEU B 168 -20.65 2.69 -18.07
CA LEU B 168 -20.30 2.09 -19.35
C LEU B 168 -21.01 0.75 -19.58
N THR B 169 -20.89 -0.18 -18.63
CA THR B 169 -21.40 -1.54 -18.81
C THR B 169 -22.87 -1.74 -18.43
N LEU B 170 -23.39 -0.93 -17.51
CA LEU B 170 -24.79 -1.06 -17.11
C LEU B 170 -25.63 0.18 -17.41
N GLY B 171 -25.05 1.37 -17.30
CA GLY B 171 -25.80 2.60 -17.41
C GLY B 171 -25.98 3.08 -18.84
N LYS B 172 -26.13 4.39 -19.00
CA LYS B 172 -26.47 4.98 -20.28
C LYS B 172 -25.38 5.90 -20.84
N ALA B 173 -24.11 5.62 -20.54
CA ALA B 173 -23.03 6.43 -21.08
C ALA B 173 -22.89 6.22 -22.59
N LEU B 174 -23.30 5.03 -23.06
CA LEU B 174 -23.28 4.65 -24.48
C LEU B 174 -24.69 4.27 -24.96
N GLY B 175 -24.85 4.10 -26.28
CA GLY B 175 -26.06 3.52 -26.83
C GLY B 175 -26.21 2.09 -26.34
N ASP B 176 -27.42 1.53 -26.37
CA ASP B 176 -27.60 0.19 -25.84
C ASP B 176 -26.92 -0.88 -26.72
N SER B 177 -26.90 -0.67 -28.03
CA SER B 177 -26.14 -1.53 -28.93
C SER B 177 -24.67 -1.56 -28.54
N GLN B 178 -24.12 -0.36 -28.33
CA GLN B 178 -22.71 -0.17 -27.98
C GLN B 178 -22.37 -0.64 -26.57
N ARG B 179 -23.25 -0.35 -25.61
CA ARG B 179 -23.14 -0.91 -24.25
C ARG B 179 -23.05 -2.44 -24.28
N ALA B 180 -23.93 -3.07 -25.05
CA ALA B 180 -24.02 -4.53 -25.09
C ALA B 180 -22.79 -5.16 -25.75
N GLN B 181 -22.21 -4.46 -26.73
CA GLN B 181 -21.01 -4.95 -27.42
C GLN B 181 -19.78 -4.89 -26.52
N LEU B 182 -19.69 -3.84 -25.71
CA LEU B 182 -18.60 -3.72 -24.74
C LEU B 182 -18.68 -4.83 -23.68
N VAL B 183 -19.88 -5.08 -23.16
CA VAL B 183 -20.09 -6.11 -22.14
C VAL B 183 -19.78 -7.50 -22.68
N THR B 184 -20.11 -7.71 -23.97
CA THR B 184 -19.81 -8.96 -24.68
C THR B 184 -18.31 -9.17 -24.82
N TRP B 185 -17.60 -8.11 -25.22
CA TRP B 185 -16.15 -8.17 -25.37
C TRP B 185 -15.43 -8.51 -24.06
N MET B 186 -15.87 -7.89 -22.95
CA MET B 186 -15.27 -8.12 -21.63
C MET B 186 -15.57 -9.52 -21.07
N LYS B 187 -16.74 -10.04 -21.42
CA LYS B 187 -17.15 -11.41 -21.05
C LYS B 187 -16.27 -12.48 -21.70
N GLY B 188 -15.64 -12.14 -22.83
CA GLY B 188 -14.80 -13.08 -23.59
C GLY B 188 -13.29 -12.87 -23.43
N ASN B 189 -12.90 -12.22 -22.34
CA ASN B 189 -11.50 -12.02 -21.96
C ASN B 189 -10.83 -13.34 -21.57
N THR B 190 -9.59 -13.51 -22.04
CA THR B 190 -8.81 -14.73 -21.86
C THR B 190 -7.68 -14.59 -20.84
N THR B 191 -7.52 -13.40 -20.25
CA THR B 191 -6.37 -13.08 -19.40
C THR B 191 -6.63 -12.98 -17.88
N GLY B 192 -7.87 -13.12 -17.45
CA GLY B 192 -8.23 -12.74 -16.09
C GLY B 192 -8.60 -13.87 -15.13
N ALA B 193 -8.21 -15.09 -15.47
CA ALA B 193 -8.64 -16.27 -14.72
C ALA B 193 -8.08 -16.29 -13.30
N ALA B 194 -6.88 -15.73 -13.16
CA ALA B 194 -6.13 -15.78 -11.91
C ALA B 194 -6.38 -14.57 -11.00
N SER B 195 -7.14 -13.59 -11.48
CA SER B 195 -7.31 -12.37 -10.73
C SER B 195 -8.64 -12.32 -9.97
N ILE B 196 -9.49 -11.37 -10.31
CA ILE B 196 -10.76 -11.21 -9.59
C ILE B 196 -11.59 -12.49 -9.66
N GLN B 197 -11.62 -13.12 -10.83
CA GLN B 197 -12.38 -14.37 -11.05
C GLN B 197 -12.05 -15.48 -10.04
N ALA B 198 -10.76 -15.66 -9.80
CA ALA B 198 -10.23 -16.67 -8.87
C ALA B 198 -10.70 -16.53 -7.43
N GLY B 199 -11.23 -15.37 -7.06
CA GLY B 199 -11.70 -15.14 -5.69
C GLY B 199 -13.21 -15.29 -5.57
N LEU B 200 -13.87 -15.48 -6.72
CA LEU B 200 -15.32 -15.52 -6.81
C LEU B 200 -15.81 -16.93 -7.09
N PRO B 201 -17.04 -17.26 -6.66
CA PRO B 201 -17.57 -18.60 -6.94
C PRO B 201 -17.74 -18.87 -8.43
N ALA B 202 -17.68 -20.14 -8.80
CA ALA B 202 -17.66 -20.55 -10.20
C ALA B 202 -18.96 -20.24 -10.94
N SER B 203 -20.08 -20.39 -10.25
CA SER B 203 -21.41 -20.09 -10.82
C SER B 203 -21.66 -18.63 -11.24
N TRP B 204 -20.77 -17.71 -10.86
CA TRP B 204 -20.93 -16.28 -11.12
C TRP B 204 -20.38 -15.92 -12.51
N VAL B 205 -21.06 -15.01 -13.22
CA VAL B 205 -20.62 -14.59 -14.54
C VAL B 205 -19.75 -13.33 -14.45
N VAL B 206 -18.60 -13.34 -15.11
CA VAL B 206 -17.64 -12.24 -15.04
C VAL B 206 -17.27 -11.69 -16.42
N GLY B 207 -17.26 -10.36 -16.51
CA GLY B 207 -16.61 -9.64 -17.60
C GLY B 207 -15.56 -8.69 -17.05
N ASP B 208 -14.30 -8.90 -17.44
CA ASP B 208 -13.18 -8.19 -16.84
C ASP B 208 -12.08 -7.75 -17.81
N LYS B 209 -11.22 -6.87 -17.32
CA LYS B 209 -10.01 -6.42 -18.00
C LYS B 209 -8.86 -6.30 -17.00
N THR B 210 -7.77 -6.99 -17.30
CA THR B 210 -6.60 -7.05 -16.43
C THR B 210 -5.54 -6.04 -16.89
N GLY B 211 -4.48 -5.90 -16.09
CA GLY B 211 -3.37 -5.01 -16.40
C GLY B 211 -2.18 -5.27 -15.49
N SER B 212 -0.98 -4.98 -16.00
CA SER B 212 0.28 -5.26 -15.29
C SER B 212 1.33 -4.20 -15.67
N GLY B 213 2.26 -3.92 -14.76
CA GLY B 213 3.21 -2.83 -15.01
C GLY B 213 4.47 -2.93 -14.19
N GLY B 214 5.22 -1.82 -14.17
CA GLY B 214 6.37 -1.68 -13.30
C GLY B 214 6.00 -1.65 -11.84
N TYR B 215 7.01 -1.75 -10.98
CA TYR B 215 6.83 -1.71 -9.52
C TYR B 215 5.86 -2.78 -8.98
N GLY B 216 5.64 -3.83 -9.75
CA GLY B 216 4.81 -4.96 -9.34
C GLY B 216 3.31 -4.73 -9.46
N THR B 217 2.94 -3.71 -10.23
CA THR B 217 1.56 -3.30 -10.41
C THR B 217 0.72 -4.40 -11.07
N THR B 218 -0.31 -4.83 -10.35
CA THR B 218 -1.22 -5.89 -10.78
C THR B 218 -2.65 -5.35 -10.63
N ASN B 219 -3.40 -5.28 -11.72
CA ASN B 219 -4.74 -4.67 -11.76
C ASN B 219 -5.81 -5.55 -12.41
N ASP B 220 -7.07 -5.16 -12.18
CA ASP B 220 -8.25 -5.84 -12.75
C ASP B 220 -9.51 -5.01 -12.45
N ILE B 221 -10.26 -4.68 -13.49
CA ILE B 221 -11.57 -4.04 -13.32
C ILE B 221 -12.65 -4.98 -13.88
N ALA B 222 -13.76 -5.13 -13.18
CA ALA B 222 -14.76 -6.13 -13.54
C ALA B 222 -16.23 -5.68 -13.43
N VAL B 223 -17.08 -6.30 -14.25
CA VAL B 223 -18.54 -6.32 -14.08
C VAL B 223 -19.00 -7.77 -13.86
N ILE B 224 -19.71 -8.01 -12.76
CA ILE B 224 -19.96 -9.37 -12.24
C ILE B 224 -21.46 -9.61 -12.05
N TRP B 225 -21.96 -10.76 -12.48
CA TRP B 225 -23.34 -11.19 -12.20
C TRP B 225 -23.39 -12.40 -11.24
N PRO B 226 -23.49 -12.14 -9.92
CA PRO B 226 -23.65 -13.27 -9.01
C PRO B 226 -24.94 -14.04 -9.27
N LYS B 227 -24.98 -15.32 -9.05
CA LYS B 227 -26.14 -16.06 -9.50
C LYS B 227 -27.46 -15.69 -8.87
N ASP B 228 -28.42 -15.40 -9.72
CA ASP B 228 -29.75 -14.98 -9.36
C ASP B 228 -29.75 -13.69 -8.59
N ARG B 229 -28.76 -12.87 -8.84
CA ARG B 229 -28.62 -11.61 -8.16
C ARG B 229 -28.34 -10.49 -9.12
N ALA B 230 -28.60 -9.28 -8.66
CA ALA B 230 -28.22 -8.09 -9.34
C ALA B 230 -26.73 -7.97 -9.40
N PRO B 231 -26.22 -7.44 -10.49
CA PRO B 231 -24.78 -7.42 -10.70
C PRO B 231 -23.97 -6.49 -9.80
N LEU B 232 -22.66 -6.77 -9.74
CA LEU B 232 -21.65 -5.99 -9.01
C LEU B 232 -20.67 -5.36 -9.99
N ILE B 233 -20.10 -4.21 -9.62
CA ILE B 233 -18.96 -3.62 -10.34
C ILE B 233 -17.80 -3.63 -9.34
N LEU B 234 -16.67 -4.24 -9.70
CA LEU B 234 -15.52 -4.32 -8.80
C LEU B 234 -14.24 -3.82 -9.46
N VAL B 235 -13.52 -2.93 -8.79
CA VAL B 235 -12.19 -2.47 -9.23
C VAL B 235 -11.11 -2.80 -8.18
N THR B 236 -10.04 -3.47 -8.61
CA THR B 236 -8.92 -3.81 -7.73
C THR B 236 -7.59 -3.37 -8.32
N TYR B 237 -6.90 -2.48 -7.61
CA TYR B 237 -5.59 -1.97 -8.02
C TYR B 237 -4.53 -2.34 -6.96
N PHE B 238 -3.40 -2.90 -7.39
CA PHE B 238 -2.31 -3.24 -6.46
C PHE B 238 -0.92 -2.90 -7.04
N THR B 239 -0.05 -2.33 -6.21
CA THR B 239 1.28 -1.90 -6.64
C THR B 239 2.28 -1.95 -5.47
N GLN B 240 3.55 -2.20 -5.78
CA GLN B 240 4.57 -2.55 -4.77
C GLN B 240 5.70 -1.51 -4.70
N PRO B 241 6.46 -1.47 -3.59
CA PRO B 241 7.47 -0.42 -3.41
C PRO B 241 8.72 -0.56 -4.29
N GLN B 242 9.11 -1.81 -4.56
CA GLN B 242 10.36 -2.14 -5.25
C GLN B 242 10.17 -2.14 -6.77
N PRO B 243 11.14 -1.58 -7.53
CA PRO B 243 10.92 -1.37 -8.96
C PRO B 243 10.70 -2.63 -9.80
N LYS B 244 11.30 -3.76 -9.42
CA LYS B 244 11.13 -4.98 -10.21
C LYS B 244 10.60 -6.12 -9.37
N ALA B 245 9.48 -5.84 -8.69
CA ALA B 245 8.72 -6.85 -7.97
C ALA B 245 7.91 -7.74 -8.90
N GLU B 246 7.54 -8.91 -8.41
CA GLU B 246 6.75 -9.85 -9.20
C GLU B 246 5.27 -9.51 -9.10
N SER B 247 4.52 -10.01 -10.07
CA SER B 247 3.08 -9.82 -10.06
C SER B 247 2.41 -10.63 -8.94
N ARG B 248 1.33 -10.06 -8.42
CA ARG B 248 0.56 -10.68 -7.35
C ARG B 248 -0.92 -10.70 -7.74
N ARG B 249 -1.28 -11.53 -8.72
CA ARG B 249 -2.67 -11.70 -9.13
C ARG B 249 -3.49 -12.34 -8.00
N ASP B 250 -2.80 -13.02 -7.08
CA ASP B 250 -3.41 -13.66 -5.92
C ASP B 250 -4.01 -12.66 -4.93
N VAL B 251 -3.39 -11.48 -4.84
CA VAL B 251 -3.86 -10.41 -3.97
C VAL B 251 -5.19 -9.84 -4.46
N LEU B 252 -5.39 -9.80 -5.78
CA LEU B 252 -6.64 -9.31 -6.38
C LEU B 252 -7.76 -10.33 -6.21
N ALA B 253 -7.40 -11.61 -6.23
CA ALA B 253 -8.33 -12.70 -5.93
C ALA B 253 -8.81 -12.67 -4.48
N SER B 254 -7.87 -12.50 -3.55
CA SER B 254 -8.17 -12.44 -2.11
C SER B 254 -9.01 -11.22 -1.77
N ALA B 255 -8.75 -10.12 -2.45
CA ALA B 255 -9.52 -8.90 -2.31
C ALA B 255 -10.96 -9.10 -2.80
N ALA B 256 -11.13 -9.80 -3.91
CA ALA B 256 -12.45 -10.07 -4.47
C ALA B 256 -13.28 -10.96 -3.52
N LYS B 257 -12.63 -11.93 -2.89
CA LYS B 257 -13.30 -12.80 -1.92
C LYS B 257 -13.76 -12.03 -0.67
N ILE B 258 -12.90 -11.16 -0.16
CA ILE B 258 -13.22 -10.36 1.02
C ILE B 258 -14.49 -9.53 0.83
N VAL B 259 -14.54 -8.72 -0.22
CA VAL B 259 -15.65 -7.79 -0.44
C VAL B 259 -16.95 -8.43 -0.96
N THR B 260 -16.90 -9.68 -1.42
CA THR B 260 -18.11 -10.38 -1.88
C THR B 260 -18.66 -11.45 -0.93
N ASP B 261 -17.94 -11.74 0.16
CA ASP B 261 -18.40 -12.70 1.16
C ASP B 261 -19.40 -12.00 2.08
OAL 602 C . 2.25 -1.70 11.43
SAI 602 C . 2.92 -2.68 12.15
OAJ 602 C . 3.01 -3.89 11.45
OAK 602 C . 4.05 -2.29 12.76
OAH 602 C . 1.79 -2.79 13.21
NAG 602 C . 1.48 -3.95 13.61
CAE 602 C . 0.35 -3.98 14.33
CAF 602 C . -0.82 -3.44 13.52
CB 602 C . -1.08 -1.95 13.71
CAD 602 C . 0.43 -3.47 15.76
N 602 C . 0.29 -2.03 15.67
CAM 602 C . 1.34 -1.22 16.00
OAN 602 C . 1.19 -0.11 15.80
CA 602 C . -0.99 -1.53 15.14
C 602 C . -2.28 -2.02 15.79
O 602 C . -2.27 -2.64 16.83
NAQ 602 C . -3.42 -1.79 15.17
NAR 602 C . -4.27 -0.74 15.40
CAS 602 C . -5.10 -0.60 16.43
OAU 602 C . -4.97 0.33 17.21
CAT 602 C . -6.26 -1.52 16.51
CAV 602 C . -6.87 -1.87 17.89
NAW 602 C . -8.23 -1.65 17.31
CAX 602 C . -7.60 -0.81 16.23
OAL 602 D . -2.45 -7.13 -17.70
SAI 602 D . -2.38 -8.19 -18.57
OAJ 602 D . -1.41 -9.10 -18.20
OAK 602 D . -3.56 -8.67 -19.04
OAH 602 D . -1.71 -7.35 -19.63
NAG 602 D . -1.54 -7.81 -20.84
CAE 602 D . -0.47 -6.97 -21.59
CAF 602 D . 0.90 -7.27 -21.05
CB 602 D . 1.14 -6.63 -19.70
CAD 602 D . -0.55 -5.45 -21.71
N 602 D . -0.32 -4.84 -20.41
CAM 602 D . -1.28 -4.05 -19.80
OAN 602 D . -1.04 -3.66 -18.70
CA 602 D . 0.95 -5.15 -19.75
C 602 D . 2.22 -4.63 -20.43
O 602 D . 2.18 -4.11 -21.52
NAQ 602 D . 3.36 -4.77 -19.78
NAR 602 D . 4.49 -4.60 -20.54
CAS 602 D . 5.40 -3.65 -20.32
OAU 602 D . 5.12 -2.62 -19.76
CAT 602 D . 6.78 -3.90 -20.85
CAV 602 D . 7.46 -3.05 -21.93
NAW 602 D . 8.40 -2.50 -20.90
CAX 602 D . 7.93 -3.52 -19.90
#